data_9F93
#
_entry.id   9F93
#
_cell.length_a   56.059
_cell.length_b   56.059
_cell.length_c   155.163
_cell.angle_alpha   90.00
_cell.angle_beta   90.00
_cell.angle_gamma   120.00
#
_symmetry.space_group_name_H-M   'P 32 2 1'
#
loop_
_entity.id
_entity.type
_entity.pdbx_description
1 polymer 'Trans-2,3-dihydro-3-hydroxyanthranilate isomerase'
2 non-polymer '2-azanyl-5-(4-fluorophenyl)benzoic acid'
3 non-polymer (R,R)-2,3-BUTANEDIOL
4 water water
#
_entity_poly.entity_id   1
_entity_poly.type   'polypeptide(L)'
_entity_poly.pdbx_seq_one_letter_code
;MGSSHHHHHHSSGLVPRGSHMHNYVIIDAFASVPLEGNPVAVFFDADDLPPAQMQRIAREMNLSESTFVLKPRNGGDALI
RIFTPVNELPFAGHPLLGTAIALGAHTDNHRLYLETQMGTIAFELERQNGSVIAASMDQPIPTWTALGRDAELLKALGIS
DSTFPIEIYHNGPRHVFVGLPSIDALSALHPDHRALSNFHDMAINCFAGAGRRWRSRMFSPAYGVVEDAATGSAAGPLAI
HLARHGQIEFGQPVEILQGVEIGRPSLMFAKAEGRAEQLTRVEVSGNGVTFGRGTIVL
;
_entity_poly.pdbx_strand_id   A
#
# COMPACT_ATOMS: atom_id res chain seq x y z
N MET A 21 -13.52 19.65 -16.27
CA MET A 21 -14.56 18.62 -16.50
C MET A 21 -14.44 17.47 -15.50
N HIS A 22 -13.29 17.29 -14.82
CA HIS A 22 -13.24 16.36 -13.70
C HIS A 22 -12.50 16.98 -12.52
N ASN A 23 -13.08 16.81 -11.34
CA ASN A 23 -12.44 17.21 -10.09
C ASN A 23 -11.56 16.07 -9.59
N TYR A 24 -10.48 16.45 -8.90
CA TYR A 24 -9.60 15.47 -8.30
C TYR A 24 -9.06 16.02 -6.98
N VAL A 25 -8.58 15.11 -6.16
CA VAL A 25 -7.85 15.46 -4.95
CA VAL A 25 -7.87 15.44 -4.94
C VAL A 25 -6.58 14.64 -4.90
N ILE A 26 -5.58 15.20 -4.25
CA ILE A 26 -4.34 14.50 -3.96
CA ILE A 26 -4.34 14.50 -3.96
C ILE A 26 -4.34 14.17 -2.49
N ILE A 27 -4.32 12.88 -2.17
CA ILE A 27 -4.35 12.39 -0.80
C ILE A 27 -2.98 11.82 -0.48
N ASP A 28 -2.42 12.23 0.65
CA ASP A 28 -1.23 11.59 1.19
C ASP A 28 -1.70 10.46 2.11
N ALA A 29 -1.53 9.22 1.66
CA ALA A 29 -2.03 8.05 2.36
C ALA A 29 -1.00 7.58 3.38
N PHE A 30 -1.49 7.09 4.52
CA PHE A 30 -0.67 6.66 5.66
C PHE A 30 0.07 7.84 6.29
N ALA A 31 -0.58 9.00 6.30
CA ALA A 31 -0.03 10.18 6.96
C ALA A 31 -1.17 11.03 7.50
N SER A 32 -0.87 11.78 8.55
CA SER A 32 -1.81 12.77 9.07
C SER A 32 -1.36 14.19 8.76
N VAL A 33 -0.16 14.36 8.20
CA VAL A 33 0.42 15.64 7.85
C VAL A 33 0.73 15.65 6.36
N PRO A 34 0.44 16.72 5.63
CA PRO A 34 0.82 16.76 4.21
C PRO A 34 2.32 16.66 4.02
N LEU A 35 2.73 16.08 2.90
CA LEU A 35 4.11 15.86 2.49
C LEU A 35 4.73 14.70 3.27
N GLU A 36 3.95 13.98 4.05
CA GLU A 36 4.32 12.67 4.58
C GLU A 36 3.46 11.60 3.90
N GLY A 37 3.71 10.33 4.22
CA GLY A 37 2.93 9.32 3.52
C GLY A 37 3.22 9.22 2.03
N ASN A 38 2.25 8.66 1.31
CA ASN A 38 2.43 8.28 -0.09
C ASN A 38 1.29 8.87 -0.92
N PRO A 39 1.57 9.75 -1.88
CA PRO A 39 0.47 10.41 -2.59
C PRO A 39 -0.26 9.51 -3.57
N VAL A 40 -1.55 9.81 -3.73
CA VAL A 40 -2.38 9.24 -4.78
C VAL A 40 -3.33 10.33 -5.27
N ALA A 41 -3.57 10.36 -6.57
CA ALA A 41 -4.53 11.28 -7.17
C ALA A 41 -5.83 10.53 -7.36
N VAL A 42 -6.93 11.13 -6.94
CA VAL A 42 -8.24 10.50 -7.00
C VAL A 42 -9.16 11.39 -7.85
N PHE A 43 -9.65 10.83 -8.94
CA PHE A 43 -10.52 11.51 -9.88
C PHE A 43 -11.98 11.08 -9.72
N PHE A 44 -12.87 12.06 -9.50
CA PHE A 44 -14.28 11.81 -9.25
C PHE A 44 -15.10 11.82 -10.54
N ASP A 45 -16.26 11.15 -10.48
CA ASP A 45 -17.26 11.17 -11.54
C ASP A 45 -16.64 10.82 -12.89
N ALA A 46 -15.94 9.69 -12.93
CA ALA A 46 -15.10 9.34 -14.07
C ALA A 46 -15.80 8.43 -15.08
N ASP A 47 -17.11 8.25 -14.95
CA ASP A 47 -17.83 7.31 -15.80
C ASP A 47 -17.79 7.68 -17.28
N ASP A 48 -17.51 8.94 -17.60
CA ASP A 48 -17.46 9.40 -18.98
C ASP A 48 -16.08 9.22 -19.61
N LEU A 49 -15.11 8.72 -18.85
CA LEU A 49 -13.76 8.57 -19.35
C LEU A 49 -13.57 7.15 -19.86
N PRO A 50 -13.20 6.95 -21.12
CA PRO A 50 -12.77 5.63 -21.54
C PRO A 50 -11.48 5.23 -20.85
N PRO A 51 -11.22 3.94 -20.70
CA PRO A 51 -10.00 3.54 -19.99
C PRO A 51 -8.72 4.03 -20.65
N ALA A 52 -8.67 4.15 -21.97
CA ALA A 52 -7.47 4.68 -22.60
C ALA A 52 -7.19 6.10 -22.12
N GLN A 53 -8.25 6.89 -21.90
CA GLN A 53 -8.09 8.24 -21.39
C GLN A 53 -7.67 8.23 -19.93
N MET A 54 -8.23 7.34 -19.13
CA MET A 54 -7.77 7.21 -17.74
C MET A 54 -6.27 6.93 -17.70
N GLN A 55 -5.80 6.02 -18.56
CA GLN A 55 -4.37 5.71 -18.58
C GLN A 55 -3.54 6.93 -18.97
N ARG A 56 -4.01 7.69 -19.97
CA ARG A 56 -3.28 8.90 -20.37
C ARG A 56 -3.26 9.93 -19.24
N ILE A 57 -4.36 10.05 -18.51
CA ILE A 57 -4.37 10.96 -17.36
C ILE A 57 -3.40 10.49 -16.29
N ALA A 58 -3.36 9.19 -16.00
CA ALA A 58 -2.42 8.71 -14.99
C ALA A 58 -0.97 8.99 -15.41
N ARG A 59 -0.68 8.84 -16.70
CA ARG A 59 0.65 9.19 -17.21
C ARG A 59 0.94 10.68 -17.05
N GLU A 60 -0.03 11.54 -17.38
CA GLU A 60 0.11 12.98 -17.19
C GLU A 60 0.44 13.32 -15.74
N MET A 61 -0.27 12.72 -14.79
CA MET A 61 -0.08 13.05 -13.38
C MET A 61 1.26 12.52 -12.86
N ASN A 62 1.68 11.36 -13.36
CA ASN A 62 2.94 10.72 -13.02
C ASN A 62 3.08 10.38 -11.52
N LEU A 63 1.98 10.37 -10.78
CA LEU A 63 2.04 9.82 -9.42
C LEU A 63 2.10 8.30 -9.51
N SER A 64 2.56 7.67 -8.43
CA SER A 64 2.64 6.21 -8.40
C SER A 64 1.32 5.59 -8.85
N GLU A 65 0.19 6.15 -8.42
CA GLU A 65 -1.09 5.77 -8.97
C GLU A 65 -2.03 6.95 -9.00
N SER A 66 -2.92 6.92 -9.99
CA SER A 66 -4.14 7.71 -10.05
C SER A 66 -5.31 6.73 -10.04
N THR A 67 -6.36 7.05 -9.30
CA THR A 67 -7.55 6.23 -9.27
C THR A 67 -8.73 7.01 -9.82
N PHE A 68 -9.72 6.28 -10.29
CA PHE A 68 -10.90 6.85 -10.94
C PHE A 68 -12.14 6.24 -10.30
N VAL A 69 -13.07 7.09 -9.90
CA VAL A 69 -14.28 6.67 -9.19
C VAL A 69 -15.40 6.51 -10.19
N LEU A 70 -15.93 5.29 -10.27
CA LEU A 70 -16.97 4.90 -11.21
C LEU A 70 -18.19 4.38 -10.46
N LYS A 71 -19.32 4.34 -11.15
CA LYS A 71 -20.53 3.79 -10.56
C LYS A 71 -20.33 2.29 -10.28
N PRO A 72 -20.92 1.78 -9.20
CA PRO A 72 -20.73 0.35 -8.88
C PRO A 72 -21.47 -0.54 -9.84
N ARG A 73 -20.95 -1.76 -9.99
CA ARG A 73 -21.53 -2.76 -10.87
C ARG A 73 -22.04 -4.00 -10.15
N ASN A 74 -21.69 -4.20 -8.86
CA ASN A 74 -22.06 -5.41 -8.12
C ASN A 74 -22.45 -5.10 -6.68
N GLY A 75 -23.17 -4.01 -6.48
CA GLY A 75 -23.77 -3.73 -5.19
C GLY A 75 -22.91 -2.98 -4.21
N GLY A 76 -21.68 -2.63 -4.58
CA GLY A 76 -20.85 -1.79 -3.74
C GLY A 76 -21.28 -0.34 -3.82
N ASP A 77 -20.47 0.51 -3.20
CA ASP A 77 -20.70 1.96 -3.27
C ASP A 77 -20.10 2.62 -4.49
N ALA A 78 -18.98 2.10 -4.99
CA ALA A 78 -18.29 2.65 -6.14
C ALA A 78 -17.37 1.57 -6.68
N LEU A 79 -17.05 1.69 -7.95
CA LEU A 79 -16.02 0.88 -8.60
C LEU A 79 -14.80 1.76 -8.79
N ILE A 80 -13.65 1.29 -8.32
CA ILE A 80 -12.42 2.06 -8.42
C ILE A 80 -11.48 1.39 -9.41
N ARG A 81 -11.04 2.15 -10.41
CA ARG A 81 -9.99 1.69 -11.31
C ARG A 81 -8.69 2.38 -10.96
N ILE A 82 -7.61 1.61 -10.95
CA ILE A 82 -6.32 2.00 -10.41
C ILE A 82 -5.29 1.93 -11.54
N PHE A 83 -4.60 3.04 -11.80
CA PHE A 83 -3.62 3.12 -12.86
C PHE A 83 -2.30 3.64 -12.33
N THR A 84 -1.21 2.97 -12.68
CA THR A 84 0.10 3.59 -12.62
C THR A 84 0.25 4.44 -13.88
N PRO A 85 1.37 5.15 -14.03
CA PRO A 85 1.58 5.90 -15.27
C PRO A 85 1.68 5.03 -16.51
N VAL A 86 1.79 3.71 -16.36
CA VAL A 86 2.06 2.78 -17.45
C VAL A 86 0.98 1.73 -17.64
N ASN A 87 0.32 1.31 -16.57
CA ASN A 87 -0.63 0.21 -16.72
C ASN A 87 -1.68 0.25 -15.61
N GLU A 88 -2.76 -0.50 -15.83
CA GLU A 88 -3.81 -0.64 -14.84
C GLU A 88 -3.46 -1.77 -13.87
N LEU A 89 -3.81 -1.57 -12.60
CA LEU A 89 -3.59 -2.56 -11.55
C LEU A 89 -4.92 -3.14 -11.07
N PRO A 90 -4.94 -4.39 -10.61
CA PRO A 90 -6.18 -4.98 -10.10
C PRO A 90 -6.46 -4.63 -8.65
N PHE A 91 -5.44 -4.21 -7.91
CA PHE A 91 -5.51 -3.90 -6.49
C PHE A 91 -4.23 -3.15 -6.13
N ALA A 92 -4.32 -2.28 -5.13
CA ALA A 92 -3.15 -1.59 -4.61
C ALA A 92 -3.51 -1.02 -3.25
N GLY A 93 -2.54 -1.01 -2.34
CA GLY A 93 -2.78 -0.63 -0.97
C GLY A 93 -3.02 0.84 -0.73
N HIS A 94 -1.98 1.65 -0.83
CA HIS A 94 -2.15 3.03 -0.45
C HIS A 94 -3.08 3.75 -1.43
N PRO A 95 -3.11 3.37 -2.71
CA PRO A 95 -4.08 4.04 -3.59
C PRO A 95 -5.51 3.83 -3.17
N LEU A 96 -5.86 2.62 -2.73
CA LEU A 96 -7.24 2.38 -2.30
C LEU A 96 -7.52 3.04 -0.97
N LEU A 97 -6.58 3.00 -0.03
CA LEU A 97 -6.76 3.74 1.21
C LEU A 97 -7.03 5.22 0.94
N GLY A 98 -6.22 5.83 0.06
CA GLY A 98 -6.42 7.24 -0.23
C GLY A 98 -7.75 7.50 -0.94
N THR A 99 -8.15 6.59 -1.82
CA THR A 99 -9.44 6.73 -2.49
C THR A 99 -10.58 6.70 -1.47
N ALA A 100 -10.55 5.76 -0.54
CA ALA A 100 -11.59 5.68 0.47
C ALA A 100 -11.66 6.95 1.30
N ILE A 101 -10.49 7.52 1.64
CA ILE A 101 -10.47 8.73 2.45
C ILE A 101 -10.97 9.93 1.64
N ALA A 102 -10.60 10.00 0.34
CA ALA A 102 -11.12 11.07 -0.52
C ALA A 102 -12.63 10.98 -0.67
N LEU A 103 -13.16 9.77 -0.88
CA LEU A 103 -14.60 9.62 -1.09
C LEU A 103 -15.39 9.87 0.18
N GLY A 104 -14.77 9.66 1.35
CA GLY A 104 -15.45 9.93 2.60
C GLY A 104 -15.92 11.35 2.72
N ALA A 105 -15.32 12.28 1.98
CA ALA A 105 -15.77 13.66 1.96
C ALA A 105 -17.08 13.84 1.22
N HIS A 106 -17.53 12.84 0.46
CA HIS A 106 -18.75 12.95 -0.34
C HIS A 106 -19.81 11.95 0.07
N THR A 107 -19.66 11.33 1.23
CA THR A 107 -20.67 10.42 1.76
C THR A 107 -20.71 10.53 3.27
N ASP A 108 -21.81 10.07 3.86
CA ASP A 108 -21.97 9.99 5.31
C ASP A 108 -21.82 8.57 5.82
N ASN A 109 -21.65 7.60 4.94
CA ASN A 109 -21.62 6.20 5.36
C ASN A 109 -20.41 5.93 6.26
N HIS A 110 -20.64 5.13 7.31
CA HIS A 110 -19.56 4.68 8.17
C HIS A 110 -18.67 3.68 7.44
N ARG A 111 -19.25 2.81 6.64
CA ARG A 111 -18.52 1.80 5.88
C ARG A 111 -18.62 2.14 4.41
N LEU A 112 -17.59 1.76 3.66
CA LEU A 112 -17.49 2.04 2.25
C LEU A 112 -17.06 0.75 1.57
N TYR A 113 -17.79 0.35 0.54
CA TYR A 113 -17.54 -0.89 -0.18
C TYR A 113 -17.07 -0.51 -1.58
N LEU A 114 -15.78 -0.71 -1.83
CA LEU A 114 -15.16 -0.30 -3.07
C LEU A 114 -14.84 -1.53 -3.93
N GLU A 115 -15.47 -1.58 -5.10
CA GLU A 115 -15.28 -2.67 -6.04
C GLU A 115 -13.97 -2.50 -6.79
N THR A 116 -13.27 -3.62 -6.98
CA THR A 116 -12.01 -3.63 -7.72
C THR A 116 -11.98 -4.91 -8.54
N GLN A 117 -10.93 -5.03 -9.37
CA GLN A 117 -10.78 -6.25 -10.14
C GLN A 117 -10.65 -7.47 -9.24
N MET A 118 -10.13 -7.29 -8.01
CA MET A 118 -9.96 -8.42 -7.11
C MET A 118 -11.15 -8.63 -6.19
N GLY A 119 -12.25 -7.91 -6.41
CA GLY A 119 -13.43 -8.06 -5.61
C GLY A 119 -13.73 -6.80 -4.84
N THR A 120 -14.77 -6.88 -4.01
CA THR A 120 -15.23 -5.73 -3.26
C THR A 120 -14.50 -5.65 -1.92
N ILE A 121 -13.83 -4.53 -1.71
CA ILE A 121 -13.00 -4.28 -0.53
C ILE A 121 -13.83 -3.45 0.44
N ALA A 122 -13.94 -3.92 1.67
CA ALA A 122 -14.68 -3.20 2.70
C ALA A 122 -13.74 -2.26 3.45
N PHE A 123 -14.18 -1.01 3.60
CA PHE A 123 -13.48 0.00 4.36
C PHE A 123 -14.34 0.49 5.52
N GLU A 124 -13.71 0.73 6.64
CA GLU A 124 -14.33 1.45 7.76
C GLU A 124 -13.71 2.83 7.79
N LEU A 125 -14.54 3.87 7.71
CA LEU A 125 -14.07 5.25 7.70
C LEU A 125 -14.11 5.83 9.11
N GLU A 126 -13.09 6.59 9.45
CA GLU A 126 -12.97 7.23 10.75
C GLU A 126 -12.99 8.73 10.57
N ARG A 127 -13.96 9.41 11.19
CA ARG A 127 -14.17 10.83 10.97
C ARG A 127 -13.95 11.64 12.24
N GLN A 128 -13.65 12.92 12.04
CA GLN A 128 -13.79 13.93 13.08
C GLN A 128 -14.48 15.13 12.44
N ASN A 129 -15.68 15.42 12.92
CA ASN A 129 -16.47 16.57 12.42
C ASN A 129 -16.65 16.52 10.91
N GLY A 130 -16.99 15.34 10.40
CA GLY A 130 -17.34 15.15 9.02
C GLY A 130 -16.17 14.87 8.11
N SER A 131 -14.95 15.12 8.58
CA SER A 131 -13.74 14.88 7.78
C SER A 131 -13.24 13.48 8.05
N VAL A 132 -13.03 12.71 6.99
CA VAL A 132 -12.44 11.38 7.16
C VAL A 132 -10.95 11.57 7.34
N ILE A 133 -10.44 11.12 8.50
CA ILE A 133 -9.03 11.25 8.83
C ILE A 133 -8.28 9.94 8.76
N ALA A 134 -8.97 8.80 8.70
CA ALA A 134 -8.31 7.51 8.65
C ALA A 134 -9.30 6.49 8.12
N ALA A 135 -8.79 5.33 7.75
CA ALA A 135 -9.64 4.25 7.30
C ALA A 135 -8.92 2.93 7.49
N SER A 136 -9.71 1.87 7.64
CA SER A 136 -9.22 0.50 7.72
CA SER A 136 -9.20 0.50 7.71
C SER A 136 -9.81 -0.30 6.56
N MET A 137 -8.99 -1.17 5.95
CA MET A 137 -9.42 -1.97 4.82
C MET A 137 -9.18 -3.45 5.07
N ASP A 138 -10.02 -4.30 4.48
N ASP A 138 -10.07 -4.28 4.56
CA ASP A 138 -9.83 -5.74 4.49
CA ASP A 138 -9.79 -5.71 4.47
C ASP A 138 -9.19 -6.19 3.18
C ASP A 138 -9.03 -5.94 3.19
N GLN A 139 -7.97 -6.74 3.26
CA GLN A 139 -7.14 -6.99 2.10
C GLN A 139 -7.34 -8.40 1.58
N PRO A 140 -7.03 -8.64 0.31
CA PRO A 140 -6.94 -10.01 -0.18
C PRO A 140 -6.01 -10.82 0.71
N ILE A 141 -6.38 -12.08 0.95
CA ILE A 141 -5.57 -12.99 1.75
C ILE A 141 -4.36 -13.40 0.94
N PRO A 142 -3.14 -13.18 1.41
CA PRO A 142 -1.97 -13.53 0.59
C PRO A 142 -1.67 -15.01 0.57
N THR A 143 -0.86 -15.37 -0.41
CA THR A 143 -0.14 -16.65 -0.43
C THR A 143 1.35 -16.35 -0.33
N TRP A 144 2.15 -17.38 -0.05
CA TRP A 144 3.58 -17.15 0.14
C TRP A 144 4.38 -18.44 -0.06
N THR A 145 5.66 -18.24 -0.32
CA THR A 145 6.63 -19.33 -0.45
C THR A 145 8.03 -18.76 -0.29
N ALA A 146 9.01 -19.66 -0.13
CA ALA A 146 10.39 -19.21 -0.08
C ALA A 146 10.81 -18.58 -1.41
N LEU A 147 11.59 -17.50 -1.32
CA LEU A 147 12.06 -16.86 -2.55
C LEU A 147 13.03 -17.76 -3.31
N GLY A 148 13.95 -18.40 -2.61
CA GLY A 148 14.89 -19.29 -3.25
C GLY A 148 16.02 -18.62 -3.99
N ARG A 149 16.22 -17.33 -3.78
CA ARG A 149 17.30 -16.56 -4.39
C ARG A 149 18.06 -15.77 -3.33
N ASP A 150 18.30 -16.38 -2.17
CA ASP A 150 18.74 -15.63 -0.99
C ASP A 150 20.10 -14.98 -1.21
N ALA A 151 21.08 -15.76 -1.69
CA ALA A 151 22.42 -15.21 -1.82
C ALA A 151 22.45 -14.02 -2.76
N GLU A 152 21.73 -14.12 -3.89
CA GLU A 152 21.69 -13.02 -4.86
C GLU A 152 21.04 -11.79 -4.27
N LEU A 153 19.96 -11.98 -3.53
CA LEU A 153 19.26 -10.85 -2.96
C LEU A 153 20.07 -10.20 -1.85
N LEU A 154 20.62 -11.01 -0.95
CA LEU A 154 21.41 -10.44 0.13
C LEU A 154 22.60 -9.66 -0.42
N LYS A 155 23.23 -10.17 -1.48
CA LYS A 155 24.35 -9.47 -2.09
C LYS A 155 23.89 -8.13 -2.65
N ALA A 156 22.73 -8.11 -3.31
CA ALA A 156 22.21 -6.85 -3.84
C ALA A 156 21.93 -5.84 -2.73
N LEU A 157 21.49 -6.32 -1.57
CA LEU A 157 21.20 -5.46 -0.45
C LEU A 157 22.44 -5.07 0.35
N GLY A 158 23.54 -5.79 0.16
CA GLY A 158 24.79 -5.47 0.82
C GLY A 158 24.97 -6.09 2.18
N ILE A 159 24.27 -7.20 2.47
CA ILE A 159 24.32 -7.85 3.78
C ILE A 159 24.56 -9.34 3.58
N SER A 160 24.88 -10.02 4.67
CA SER A 160 25.27 -11.42 4.62
C SER A 160 24.12 -12.40 4.86
N ASP A 161 23.12 -12.01 5.66
CA ASP A 161 22.06 -12.93 6.04
C ASP A 161 20.82 -12.13 6.41
N SER A 162 19.69 -12.81 6.41
CA SER A 162 18.44 -12.31 6.95
C SER A 162 18.27 -12.88 8.36
N THR A 163 17.48 -12.19 9.17
CA THR A 163 17.07 -12.78 10.44
C THR A 163 16.07 -13.91 10.21
N PHE A 164 14.91 -13.59 9.67
CA PHE A 164 13.84 -14.53 9.43
C PHE A 164 13.89 -15.02 7.99
N PRO A 165 13.20 -16.12 7.70
CA PRO A 165 13.24 -16.70 6.36
C PRO A 165 12.83 -15.69 5.29
N ILE A 166 13.55 -15.71 4.16
CA ILE A 166 13.28 -14.80 3.06
C ILE A 166 12.14 -15.40 2.23
N GLU A 167 10.93 -14.87 2.41
CA GLU A 167 9.77 -15.40 1.75
C GLU A 167 9.10 -14.31 0.92
N ILE A 168 8.44 -14.73 -0.15
CA ILE A 168 7.78 -13.82 -1.09
C ILE A 168 6.27 -14.08 -1.01
N TYR A 169 5.52 -13.00 -0.79
CA TYR A 169 4.08 -13.03 -0.61
C TYR A 169 3.39 -12.43 -1.83
N HIS A 170 2.20 -12.97 -2.15
CA HIS A 170 1.42 -12.52 -3.30
C HIS A 170 0.01 -12.16 -2.85
N ASN A 171 -0.40 -10.93 -3.14
CA ASN A 171 -1.77 -10.49 -2.89
C ASN A 171 -2.20 -9.53 -3.98
N GLY A 172 -1.73 -9.76 -5.19
CA GLY A 172 -1.80 -8.80 -6.26
C GLY A 172 -0.37 -8.50 -6.67
N PRO A 173 0.27 -7.55 -5.99
CA PRO A 173 1.72 -7.41 -6.10
C PRO A 173 2.40 -8.58 -5.40
N ARG A 174 3.72 -8.65 -5.57
CA ARG A 174 4.54 -9.61 -4.84
C ARG A 174 5.52 -8.85 -3.96
N HIS A 175 5.64 -9.30 -2.71
CA HIS A 175 6.46 -8.63 -1.71
C HIS A 175 7.35 -9.65 -1.03
N VAL A 176 8.66 -9.41 -1.10
CA VAL A 176 9.68 -10.19 -0.43
C VAL A 176 10.02 -9.51 0.88
N PHE A 177 10.26 -10.30 1.93
CA PHE A 177 10.63 -9.75 3.23
C PHE A 177 11.99 -10.24 3.68
N VAL A 178 12.87 -9.29 4.00
CA VAL A 178 14.21 -9.54 4.50
C VAL A 178 14.32 -8.84 5.85
N GLY A 179 14.67 -9.60 6.88
CA GLY A 179 14.75 -9.07 8.23
C GLY A 179 16.17 -8.68 8.59
N LEU A 180 16.28 -7.56 9.27
CA LEU A 180 17.50 -6.94 9.74
C LEU A 180 17.56 -6.99 11.26
N PRO A 181 18.76 -7.08 11.85
CA PRO A 181 18.84 -7.33 13.29
C PRO A 181 18.56 -6.11 14.16
N SER A 182 18.49 -4.92 13.59
CA SER A 182 18.24 -3.71 14.37
C SER A 182 17.75 -2.62 13.43
N ILE A 183 17.08 -1.62 13.99
CA ILE A 183 16.64 -0.49 13.18
C ILE A 183 17.83 0.27 12.62
N ASP A 184 18.92 0.40 13.40
CA ASP A 184 20.12 1.06 12.87
C ASP A 184 20.67 0.31 11.66
N ALA A 185 20.65 -1.02 11.69
CA ALA A 185 21.13 -1.79 10.55
C ALA A 185 20.23 -1.60 9.34
N LEU A 186 18.93 -1.46 9.56
CA LEU A 186 18.02 -1.21 8.45
C LEU A 186 18.28 0.15 7.82
N SER A 187 18.46 1.18 8.64
CA SER A 187 18.72 2.52 8.12
C SER A 187 20.04 2.58 7.35
N ALA A 188 20.98 1.70 7.68
CA ALA A 188 22.30 1.71 7.06
C ALA A 188 22.35 1.01 5.70
N LEU A 189 21.29 0.29 5.31
CA LEU A 189 21.29 -0.34 4.00
C LEU A 189 21.50 0.69 2.90
N HIS A 190 22.37 0.35 1.95
CA HIS A 190 22.56 1.08 0.70
C HIS A 190 22.52 0.06 -0.43
N PRO A 191 21.33 -0.34 -0.87
CA PRO A 191 21.23 -1.41 -1.84
C PRO A 191 21.82 -1.03 -3.19
N ASP A 192 22.26 -2.05 -3.92
CA ASP A 192 22.66 -1.92 -5.32
C ASP A 192 21.41 -2.03 -6.17
N HIS A 193 20.87 -0.89 -6.60
CA HIS A 193 19.60 -0.92 -7.29
C HIS A 193 19.72 -1.58 -8.66
N ARG A 194 20.89 -1.49 -9.30
CA ARG A 194 21.11 -2.25 -10.53
C ARG A 194 20.91 -3.75 -10.29
N ALA A 195 21.49 -4.27 -9.19
CA ALA A 195 21.36 -5.69 -8.92
C ALA A 195 19.93 -6.06 -8.52
N LEU A 196 19.23 -5.15 -7.85
CA LEU A 196 17.84 -5.42 -7.50
C LEU A 196 16.96 -5.47 -8.74
N SER A 197 17.38 -4.83 -9.84
CA SER A 197 16.54 -4.85 -11.04
C SER A 197 16.41 -6.25 -11.64
N ASN A 198 17.24 -7.20 -11.23
CA ASN A 198 17.10 -8.58 -11.68
C ASN A 198 15.97 -9.32 -10.96
N PHE A 199 15.30 -8.66 -10.01
CA PHE A 199 14.17 -9.24 -9.30
C PHE A 199 12.89 -8.64 -9.91
N HIS A 200 12.31 -9.38 -10.85
CA HIS A 200 11.17 -8.89 -11.63
C HIS A 200 9.85 -9.09 -10.90
N ASP A 201 8.92 -8.17 -11.15
CA ASP A 201 7.55 -8.30 -10.71
C ASP A 201 7.46 -8.56 -9.22
N MET A 202 8.23 -7.78 -8.45
CA MET A 202 8.17 -7.88 -7.00
C MET A 202 8.78 -6.63 -6.38
N ALA A 203 8.49 -6.45 -5.09
CA ALA A 203 9.10 -5.43 -4.26
C ALA A 203 9.86 -6.10 -3.13
N ILE A 204 10.96 -5.46 -2.72
CA ILE A 204 11.82 -5.95 -1.65
C ILE A 204 11.59 -5.09 -0.42
N ASN A 205 11.06 -5.71 0.63
CA ASN A 205 10.73 -5.02 1.87
C ASN A 205 11.67 -5.50 2.97
N CYS A 206 12.46 -4.58 3.49
CA CYS A 206 13.41 -4.86 4.57
C CYS A 206 12.84 -4.31 5.85
N PHE A 207 12.90 -5.09 6.94
CA PHE A 207 12.24 -4.70 8.16
C PHE A 207 13.10 -5.01 9.38
N ALA A 208 12.77 -4.34 10.48
CA ALA A 208 13.43 -4.54 11.76
C ALA A 208 12.50 -4.00 12.84
N GLY A 209 12.69 -4.49 14.05
CA GLY A 209 11.88 -4.00 15.16
C GLY A 209 11.67 -5.09 16.20
N ALA A 210 10.57 -4.94 16.94
CA ALA A 210 10.24 -5.82 18.05
C ALA A 210 8.84 -5.51 18.56
N GLY A 211 8.16 -6.53 19.05
CA GLY A 211 6.89 -6.31 19.70
C GLY A 211 5.86 -5.74 18.75
N ARG A 212 5.24 -4.63 19.17
CA ARG A 212 4.23 -3.96 18.36
C ARG A 212 4.82 -3.07 17.28
N ARG A 213 6.08 -2.65 17.39
CA ARG A 213 6.63 -1.54 16.60
C ARG A 213 7.71 -2.02 15.64
N TRP A 214 7.47 -1.83 14.36
CA TRP A 214 8.38 -2.28 13.32
C TRP A 214 8.68 -1.12 12.38
N ARG A 215 9.84 -1.23 11.74
CA ARG A 215 10.29 -0.30 10.71
C ARG A 215 10.49 -1.06 9.42
N SER A 216 10.22 -0.40 8.31
CA SER A 216 10.33 -1.00 7.00
C SER A 216 10.94 -0.02 6.02
N ARG A 217 11.63 -0.57 5.03
CA ARG A 217 12.06 0.14 3.83
C ARG A 217 11.74 -0.77 2.65
N MET A 218 11.19 -0.19 1.58
CA MET A 218 10.83 -0.95 0.40
C MET A 218 11.54 -0.39 -0.83
N PHE A 219 12.09 -1.30 -1.64
CA PHE A 219 12.81 -0.96 -2.86
C PHE A 219 12.22 -1.81 -3.99
N SER A 220 11.92 -1.21 -5.14
CA SER A 220 11.36 -2.00 -6.24
C SER A 220 11.62 -1.37 -7.60
N PRO A 221 12.72 -1.76 -8.25
CA PRO A 221 12.87 -1.39 -9.66
C PRO A 221 11.71 -1.88 -10.51
N ALA A 222 11.16 -3.06 -10.22
CA ALA A 222 10.09 -3.62 -11.03
C ALA A 222 8.85 -2.73 -11.00
N TYR A 223 8.57 -2.12 -9.86
CA TYR A 223 7.39 -1.26 -9.71
C TYR A 223 7.74 0.20 -9.88
N GLY A 224 8.94 0.49 -10.35
CA GLY A 224 9.31 1.85 -10.71
C GLY A 224 9.56 2.79 -9.56
N VAL A 225 10.01 2.29 -8.41
CA VAL A 225 10.28 3.15 -7.27
C VAL A 225 11.62 2.76 -6.66
N VAL A 226 12.51 3.75 -6.53
CA VAL A 226 13.80 3.51 -5.90
C VAL A 226 13.60 3.07 -4.46
N GLU A 227 12.88 3.89 -3.69
CA GLU A 227 12.48 3.56 -2.33
C GLU A 227 11.10 4.15 -2.08
N ASP A 228 10.18 3.32 -1.63
CA ASP A 228 8.77 3.69 -1.48
C ASP A 228 8.52 4.29 -0.10
N ALA A 229 7.53 5.19 -0.03
CA ALA A 229 7.21 5.82 1.25
C ALA A 229 6.35 4.92 2.14
N ALA A 230 5.31 4.33 1.58
CA ALA A 230 4.34 3.53 2.35
C ALA A 230 3.80 2.46 1.43
N THR A 231 4.20 1.22 1.64
CA THR A 231 3.80 0.11 0.77
C THR A 231 2.63 -0.57 1.46
N GLY A 232 1.42 -0.04 1.22
CA GLY A 232 0.25 -0.52 1.94
C GLY A 232 -0.06 -1.98 1.68
N SER A 233 0.21 -2.48 0.48
CA SER A 233 -0.06 -3.87 0.18
C SER A 233 0.96 -4.81 0.81
N ALA A 234 2.04 -4.28 1.36
CA ALA A 234 3.03 -5.09 2.06
C ALA A 234 2.74 -5.21 3.54
N ALA A 235 1.89 -4.34 4.08
CA ALA A 235 1.67 -4.31 5.52
C ALA A 235 0.95 -5.56 6.00
N GLY A 236 -0.08 -6.01 5.29
CA GLY A 236 -0.76 -7.24 5.64
C GLY A 236 0.16 -8.45 5.63
N PRO A 237 0.87 -8.64 4.51
CA PRO A 237 1.86 -9.74 4.46
C PRO A 237 2.90 -9.67 5.56
N LEU A 238 3.38 -8.47 5.92
CA LEU A 238 4.36 -8.39 7.00
C LEU A 238 3.76 -8.87 8.34
N ALA A 239 2.53 -8.48 8.65
CA ALA A 239 1.90 -9.00 9.86
C ALA A 239 1.84 -10.53 9.85
N ILE A 240 1.51 -11.12 8.70
CA ILE A 240 1.49 -12.58 8.59
C ILE A 240 2.89 -13.15 8.81
N HIS A 241 3.88 -12.53 8.17
CA HIS A 241 5.27 -12.98 8.29
C HIS A 241 5.72 -12.97 9.76
N LEU A 242 5.43 -11.87 10.45
CA LEU A 242 5.83 -11.74 11.85
C LEU A 242 5.12 -12.76 12.73
N ALA A 243 3.84 -13.03 12.45
CA ALA A 243 3.11 -14.02 13.23
C ALA A 243 3.61 -15.42 12.95
N ARG A 244 3.79 -15.77 11.67
CA ARG A 244 4.30 -17.08 11.34
C ARG A 244 5.63 -17.35 12.03
N HIS A 245 6.50 -16.36 12.07
CA HIS A 245 7.84 -16.56 12.61
C HIS A 245 7.97 -16.13 14.07
N GLY A 246 6.84 -16.03 14.78
CA GLY A 246 6.85 -16.01 16.22
C GLY A 246 7.14 -14.70 16.87
N GLN A 247 7.13 -13.59 16.11
CA GLN A 247 7.41 -12.30 16.71
C GLN A 247 6.17 -11.62 17.23
N ILE A 248 5.02 -11.95 16.67
CA ILE A 248 3.71 -11.56 17.18
C ILE A 248 2.80 -12.78 17.08
N GLU A 249 1.59 -12.65 17.60
CA GLU A 249 0.57 -13.67 17.42
C GLU A 249 -0.40 -13.26 16.33
N PHE A 250 -1.02 -14.24 15.69
CA PHE A 250 -2.16 -13.92 14.85
C PHE A 250 -3.22 -13.25 15.69
N GLY A 251 -3.82 -12.20 15.17
CA GLY A 251 -4.80 -11.43 15.90
C GLY A 251 -4.25 -10.23 16.63
N GLN A 252 -2.93 -10.02 16.61
CA GLN A 252 -2.30 -8.87 17.27
C GLN A 252 -1.91 -7.85 16.22
N PRO A 253 -2.24 -6.58 16.39
CA PRO A 253 -1.84 -5.56 15.42
C PRO A 253 -0.42 -5.09 15.60
N VAL A 254 0.19 -4.66 14.49
CA VAL A 254 1.50 -4.04 14.51
C VAL A 254 1.42 -2.66 13.87
N GLU A 255 2.33 -1.81 14.32
CA GLU A 255 2.55 -0.47 13.80
C GLU A 255 3.85 -0.50 13.02
N ILE A 256 3.77 -0.20 11.73
CA ILE A 256 4.90 -0.26 10.80
C ILE A 256 5.20 1.16 10.35
N LEU A 257 6.41 1.62 10.63
CA LEU A 257 6.86 2.94 10.21
C LEU A 257 7.80 2.78 9.01
N GLN A 258 7.42 3.38 7.89
CA GLN A 258 8.14 3.26 6.63
C GLN A 258 8.50 4.66 6.13
N GLY A 259 9.53 4.72 5.30
CA GLY A 259 9.85 5.94 4.57
C GLY A 259 10.59 6.99 5.36
N VAL A 260 11.12 6.64 6.54
CA VAL A 260 11.81 7.61 7.36
C VAL A 260 13.06 8.11 6.64
N GLU A 261 13.82 7.19 6.06
CA GLU A 261 15.10 7.53 5.45
C GLU A 261 14.96 8.44 4.23
N ILE A 262 13.78 8.49 3.59
CA ILE A 262 13.56 9.34 2.43
C ILE A 262 12.69 10.55 2.76
N GLY A 263 12.47 10.82 4.04
CA GLY A 263 11.72 12.00 4.42
C GLY A 263 10.23 11.93 4.16
N ARG A 264 9.67 10.73 4.06
CA ARG A 264 8.22 10.54 3.88
C ARG A 264 7.74 9.54 4.93
N PRO A 265 7.92 9.84 6.21
CA PRO A 265 7.48 8.90 7.25
C PRO A 265 6.00 8.56 7.08
N SER A 266 5.70 7.26 7.23
CA SER A 266 4.39 6.71 6.94
C SER A 266 4.10 5.66 8.01
N LEU A 267 2.92 5.72 8.60
CA LEU A 267 2.52 4.77 9.63
C LEU A 267 1.43 3.88 9.06
N MET A 268 1.70 2.59 9.01
CA MET A 268 0.75 1.58 8.59
C MET A 268 0.47 0.66 9.77
N PHE A 269 -0.79 0.29 9.94
CA PHE A 269 -1.21 -0.63 10.99
C PHE A 269 -1.78 -1.87 10.34
N ALA A 270 -1.40 -3.04 10.84
CA ALA A 270 -1.82 -4.27 10.18
C ALA A 270 -2.07 -5.36 11.21
N LYS A 271 -2.98 -6.27 10.86
CA LYS A 271 -3.35 -7.39 11.71
C LYS A 271 -3.83 -8.54 10.82
N ALA A 272 -3.45 -9.76 11.17
CA ALA A 272 -3.85 -10.95 10.42
C ALA A 272 -4.56 -11.88 11.38
N GLU A 273 -5.82 -12.19 11.11
CA GLU A 273 -6.62 -13.02 12.00
C GLU A 273 -6.68 -14.46 11.51
N GLY A 274 -6.70 -15.39 12.47
CA GLY A 274 -6.77 -16.80 12.20
C GLY A 274 -5.50 -17.52 12.57
N ARG A 275 -5.03 -18.35 11.65
CA ARG A 275 -3.74 -19.01 11.76
C ARG A 275 -3.21 -19.14 10.34
N ALA A 276 -1.95 -19.52 10.22
CA ALA A 276 -1.31 -19.48 8.91
C ALA A 276 -2.09 -20.28 7.89
N GLU A 277 -2.59 -21.44 8.29
CA GLU A 277 -3.27 -22.36 7.40
C GLU A 277 -4.72 -21.98 7.14
N GLN A 278 -5.27 -21.06 7.93
CA GLN A 278 -6.68 -20.66 7.77
C GLN A 278 -6.79 -19.21 8.25
N LEU A 279 -6.32 -18.30 7.39
CA LEU A 279 -6.45 -16.87 7.63
C LEU A 279 -7.88 -16.45 7.31
N THR A 280 -8.49 -15.72 8.24
CA THR A 280 -9.87 -15.28 8.06
C THR A 280 -9.98 -13.81 7.66
N ARG A 281 -8.98 -13.00 7.98
CA ARG A 281 -9.06 -11.57 7.69
C ARG A 281 -7.66 -10.99 7.75
N VAL A 282 -7.36 -10.07 6.84
CA VAL A 282 -6.11 -9.33 6.86
C VAL A 282 -6.50 -7.86 6.78
N GLU A 283 -6.25 -7.12 7.86
CA GLU A 283 -6.68 -5.73 7.97
C GLU A 283 -5.46 -4.81 7.95
N VAL A 284 -5.58 -3.73 7.19
CA VAL A 284 -4.56 -2.68 7.15
C VAL A 284 -5.27 -1.34 7.31
N SER A 285 -4.72 -0.48 8.16
CA SER A 285 -5.32 0.84 8.35
C SER A 285 -4.26 1.93 8.37
N GLY A 286 -4.71 3.17 8.18
CA GLY A 286 -3.80 4.29 8.25
C GLY A 286 -4.56 5.60 8.19
N ASN A 287 -3.87 6.66 8.58
CA ASN A 287 -4.40 8.01 8.40
C ASN A 287 -4.25 8.45 6.95
N GLY A 288 -5.00 9.47 6.57
CA GLY A 288 -4.80 10.14 5.30
C GLY A 288 -5.15 11.60 5.43
N VAL A 289 -4.52 12.40 4.58
CA VAL A 289 -4.71 13.85 4.61
C VAL A 289 -4.71 14.39 3.18
N THR A 290 -5.49 15.45 2.94
CA THR A 290 -5.54 16.08 1.64
C THR A 290 -4.35 17.01 1.45
N PHE A 291 -3.59 16.79 0.38
CA PHE A 291 -2.52 17.70 0.00
C PHE A 291 -3.00 18.81 -0.93
N GLY A 292 -3.87 18.48 -1.87
CA GLY A 292 -4.37 19.47 -2.81
C GLY A 292 -5.65 19.01 -3.47
N ARG A 293 -6.28 19.96 -4.17
CA ARG A 293 -7.54 19.73 -4.85
C ARG A 293 -7.50 20.52 -6.15
N GLY A 294 -8.07 19.98 -7.20
CA GLY A 294 -8.11 20.73 -8.44
C GLY A 294 -9.14 20.19 -9.42
N THR A 295 -9.05 20.70 -10.63
CA THR A 295 -9.92 20.28 -11.72
CA THR A 295 -9.91 20.29 -11.73
C THR A 295 -9.07 20.20 -12.98
N ILE A 296 -9.33 19.17 -13.78
CA ILE A 296 -8.69 19.02 -15.08
C ILE A 296 -9.70 19.34 -16.16
N VAL A 297 -9.19 19.74 -17.34
CA VAL A 297 -10.01 20.24 -18.44
C VAL A 297 -10.58 19.13 -19.31
N LEU A 298 -10.35 17.87 -18.96
CA LEU A 298 -10.81 16.70 -19.71
C LEU A 298 -11.71 15.86 -18.82
#